data_3KUL
#
_entry.id   3KUL
#
_cell.length_a   44.140
_cell.length_b   41.879
_cell.length_c   145.815
_cell.angle_alpha   90.00
_cell.angle_beta   92.46
_cell.angle_gamma   90.00
#
_symmetry.space_group_name_H-M   'P 1 21 1'
#
loop_
_entity.id
_entity.type
_entity.pdbx_description
1 polymer 'Ephrin type-A receptor 8'
2 polymer 'Ephrin type-A receptor 8'
3 non-polymer 'SULFATE ION'
4 non-polymer BETA-MERCAPTOETHANOL
5 non-polymer GLYCEROL
6 water water
#
loop_
_entity_poly.entity_id
_entity_poly.type
_entity_poly.pdbx_seq_one_letter_code
_entity_poly.pdbx_strand_id
1 'polypeptide(L)'
;MHHHHHHSSGRENLYFQGKLPEPQFYAEPHTYEEPGRAGRSFTREIEASRIHIEKIIGSGDSGEVCYGRLRVPGQRDVPV
AIKALKAGYTERQRRDFLSEASIMGQFDHPNIIRLEGVVTRGRLAMIVTEYMENGSLDTFLRTHDGQFTIMQLVGMLRGV
GAGMRYLSDLGYVHRDLAARNVLVDSNLVCKVSDFGLSRVLEDDPDAAYTTTGGKIPIRWTAPEAIAFRTFSSASDVWSF
GVVMWEVLAYGERPYWNMTNRDVISSVEEGYRLPAPMGCPHALHQLMLDCWHKDRAQRPRFSQIVSVLDALIRSPESLRA
TATVS
;
A
2 'polypeptide(L)'
;MHHHHHHSSGRENLYFQGKLPEPQFYAEPHTYEEPGRAGRSFTREIEASRIHIEKIIGSGDSGEVCYGRLRVPGQRDVPV
AIKALKAGYTERQRRDFLSEASIMGQFDHPNIIRLEGVVTRGRLAMIVTEYMENGSLDTFLRTHDGQFTIMQLVGMLRGV
GAGMRYLSDLGYVHRDLAARNVLVDSNLVCKVSDFGLSRVLEDDPDAA(PTR)TTTGGKIPIRWTAPEAIAFRTFSSASD
VWSFGVVMWEVLAYGERPYWNMTNRDVISSVEEGYRLPAPMGCPHALHQLMLDCWHKDRAQRPRFSQIVSVLDALIRSPE
SLRATATVS
;
B
#
# COMPACT_ATOMS: atom_id res chain seq x y z
N THR A 43 30.54 -9.32 22.32
CA THR A 43 30.80 -9.51 20.86
C THR A 43 29.91 -10.62 20.28
N ARG A 44 29.72 -10.62 18.96
CA ARG A 44 29.02 -11.72 18.29
C ARG A 44 29.95 -12.77 17.69
N GLU A 45 31.26 -12.49 17.66
CA GLU A 45 32.26 -13.48 17.25
C GLU A 45 32.22 -14.66 18.22
N ILE A 46 32.15 -15.88 17.70
CA ILE A 46 32.06 -17.06 18.56
C ILE A 46 33.35 -17.85 18.45
N GLU A 47 33.96 -18.19 19.58
CA GLU A 47 35.13 -19.04 19.45
C GLU A 47 34.75 -20.50 19.18
N ALA A 48 35.51 -21.15 18.29
CA ALA A 48 35.12 -22.47 17.74
C ALA A 48 34.73 -23.52 18.77
N SER A 49 35.43 -23.61 19.90
CA SER A 49 35.14 -24.67 20.88
C SER A 49 33.76 -24.57 21.52
N ARG A 50 33.05 -23.47 21.32
CA ARG A 50 31.70 -23.32 21.91
C ARG A 50 30.64 -24.08 21.09
N ILE A 51 31.04 -24.56 19.92
CA ILE A 51 30.11 -25.15 19.01
C ILE A 51 30.23 -26.68 19.00
N HIS A 52 29.09 -27.35 19.16
CA HIS A 52 29.06 -28.80 19.09
C HIS A 52 28.24 -29.09 17.85
N ILE A 53 28.80 -29.91 16.97
CA ILE A 53 28.20 -30.22 15.69
C ILE A 53 27.63 -31.63 15.68
N GLU A 54 26.36 -31.80 15.29
CA GLU A 54 25.85 -33.16 15.11
C GLU A 54 25.34 -33.58 13.73
N LYS A 55 25.12 -32.60 12.84
CA LYS A 55 24.71 -32.90 11.48
C LYS A 55 25.40 -31.92 10.55
N ILE A 56 25.93 -32.40 9.43
CA ILE A 56 26.51 -31.54 8.39
C ILE A 56 25.98 -31.94 7.00
N ILE A 57 25.56 -30.95 6.20
CA ILE A 57 24.96 -31.22 4.89
C ILE A 57 25.49 -30.24 3.85
N GLY A 58 25.69 -30.71 2.63
CA GLY A 58 26.06 -29.86 1.50
C GLY A 58 25.01 -28.78 1.25
N SER A 59 25.47 -27.58 0.94
CA SER A 59 24.57 -26.47 0.60
C SER A 59 25.03 -25.85 -0.71
N GLY A 60 24.42 -26.35 -1.79
CA GLY A 60 24.93 -26.16 -3.15
C GLY A 60 26.37 -26.57 -3.40
N ASP A 61 27.11 -25.60 -3.92
CA ASP A 61 28.40 -25.80 -4.56
C ASP A 61 29.57 -25.65 -3.60
N SER A 62 29.51 -24.64 -2.72
CA SER A 62 30.62 -24.32 -1.81
C SER A 62 30.18 -23.91 -0.41
N GLY A 63 28.99 -24.35 -0.03
CA GLY A 63 28.48 -24.13 1.32
C GLY A 63 28.14 -25.43 2.00
N GLU A 64 28.07 -25.37 3.33
CA GLU A 64 27.49 -26.46 4.09
C GLU A 64 26.63 -25.90 5.17
N VAL A 65 25.70 -26.71 5.64
CA VAL A 65 24.80 -26.33 6.70
C VAL A 65 24.97 -27.38 7.80
N CYS A 66 25.06 -26.92 9.04
CA CYS A 66 25.22 -27.81 10.18
C CYS A 66 24.19 -27.50 11.25
N TYR A 67 23.85 -28.51 12.02
CA TYR A 67 23.05 -28.29 13.19
C TYR A 67 23.82 -28.84 14.38
N GLY A 68 23.61 -28.20 15.54
CA GLY A 68 24.24 -28.60 16.78
C GLY A 68 23.82 -27.69 17.93
N ARG A 69 24.75 -27.42 18.84
CA ARG A 69 24.50 -26.63 20.07
C ARG A 69 25.62 -25.66 20.30
N LEU A 70 25.27 -24.54 20.93
CA LEU A 70 26.19 -23.49 21.24
C LEU A 70 26.26 -23.33 22.76
N ARG A 71 27.49 -23.36 23.31
CA ARG A 71 27.73 -23.02 24.72
C ARG A 71 27.52 -21.52 24.87
N VAL A 72 26.75 -21.12 25.90
CA VAL A 72 26.49 -19.73 26.21
C VAL A 72 26.73 -19.53 27.72
N PRO A 73 27.73 -18.72 28.08
CA PRO A 73 28.17 -18.50 29.45
C PRO A 73 27.01 -18.29 30.42
N GLY A 74 26.86 -19.21 31.39
CA GLY A 74 25.89 -19.05 32.47
C GLY A 74 24.44 -19.27 32.07
N GLN A 75 24.22 -19.95 30.94
CA GLN A 75 22.89 -20.29 30.44
C GLN A 75 22.95 -21.70 29.90
N ARG A 76 21.79 -22.33 29.72
CA ARG A 76 21.75 -23.66 29.11
C ARG A 76 22.24 -23.57 27.65
N ASP A 77 22.82 -24.65 27.15
CA ASP A 77 23.24 -24.71 25.75
C ASP A 77 22.07 -24.34 24.82
N VAL A 78 22.37 -23.59 23.77
CA VAL A 78 21.38 -23.14 22.79
C VAL A 78 21.50 -23.96 21.50
N PRO A 79 20.41 -24.66 21.08
CA PRO A 79 20.40 -25.32 19.78
C PRO A 79 20.58 -24.29 18.67
N VAL A 80 21.39 -24.60 17.67
CA VAL A 80 21.70 -23.65 16.60
C VAL A 80 21.76 -24.33 15.23
N ALA A 81 21.50 -23.55 14.20
CA ALA A 81 21.81 -23.91 12.82
C ALA A 81 23.00 -23.06 12.39
N ILE A 82 23.81 -23.63 11.50
CA ILE A 82 24.99 -22.94 11.05
C ILE A 82 25.05 -23.03 9.55
N LYS A 83 25.43 -21.94 8.91
CA LYS A 83 25.74 -21.99 7.49
C LYS A 83 27.18 -21.57 7.36
N ALA A 84 27.94 -22.27 6.52
CA ALA A 84 29.37 -22.00 6.40
C ALA A 84 29.90 -22.11 4.99
N LEU A 85 31.02 -21.45 4.73
CA LEU A 85 31.77 -21.63 3.50
C LEU A 85 32.76 -22.76 3.73
N LYS A 86 32.82 -23.66 2.76
CA LYS A 86 33.78 -24.75 2.74
C LYS A 86 35.17 -24.25 2.38
N ALA A 87 36.19 -25.05 2.68
CA ALA A 87 37.56 -24.68 2.37
C ALA A 87 37.72 -24.43 0.88
N GLY A 88 38.48 -23.39 0.54
CA GLY A 88 38.85 -23.15 -0.86
C GLY A 88 38.09 -22.00 -1.48
N TYR A 89 37.24 -21.34 -0.68
CA TYR A 89 36.44 -20.22 -1.15
C TYR A 89 37.33 -19.04 -1.56
N THR A 90 36.80 -18.21 -2.44
CA THR A 90 37.48 -17.00 -2.90
C THR A 90 37.22 -15.84 -1.93
N GLU A 91 38.12 -14.86 -1.96
CA GLU A 91 37.94 -13.62 -1.21
C GLU A 91 36.58 -12.98 -1.46
N ARG A 92 36.05 -13.16 -2.66
CA ARG A 92 34.77 -12.58 -3.06
C ARG A 92 33.62 -13.27 -2.36
N GLN A 93 33.63 -14.61 -2.37
CA GLN A 93 32.60 -15.35 -1.64
C GLN A 93 32.64 -14.98 -0.16
N ARG A 94 33.84 -14.88 0.41
CA ARG A 94 34.03 -14.42 1.79
C ARG A 94 33.39 -13.05 2.02
N ARG A 95 33.67 -12.10 1.13
CA ARG A 95 33.10 -10.76 1.25
C ARG A 95 31.55 -10.75 1.19
N ASP A 96 30.97 -11.48 0.24
CA ASP A 96 29.51 -11.60 0.14
C ASP A 96 28.92 -12.32 1.37
N PHE A 97 29.53 -13.44 1.75
CA PHE A 97 29.12 -14.17 2.95
C PHE A 97 29.15 -13.25 4.19
N LEU A 98 30.25 -12.54 4.41
CA LEU A 98 30.31 -11.66 5.58
C LEU A 98 29.36 -10.44 5.52
N SER A 99 29.05 -9.92 4.33
CA SER A 99 28.00 -8.90 4.26
C SER A 99 26.60 -9.48 4.60
N GLU A 100 26.29 -10.65 4.06
CA GLU A 100 25.07 -11.36 4.44
C GLU A 100 24.94 -11.49 5.97
N ALA A 101 26.02 -11.95 6.61
CA ALA A 101 26.05 -12.03 8.08
C ALA A 101 25.78 -10.65 8.68
N SER A 102 26.35 -9.62 8.06
CA SER A 102 26.32 -8.29 8.65
C SER A 102 24.89 -7.71 8.60
N ILE A 103 24.21 -7.82 7.47
CA ILE A 103 22.82 -7.35 7.37
C ILE A 103 21.87 -8.12 8.31
N MET A 104 21.98 -9.44 8.32
CA MET A 104 21.20 -10.32 9.23
C MET A 104 21.32 -9.88 10.67
N GLY A 105 22.54 -9.47 11.04
CA GLY A 105 22.84 -9.09 12.40
C GLY A 105 22.10 -7.82 12.82
N GLN A 106 21.62 -7.04 11.84
CA GLN A 106 20.89 -5.81 12.11
C GLN A 106 19.38 -6.03 12.19
N PHE A 107 18.91 -7.23 11.83
CA PHE A 107 17.46 -7.53 11.86
C PHE A 107 17.00 -7.89 13.26
N ASP A 108 15.86 -7.36 13.67
CA ASP A 108 15.26 -7.68 14.97
C ASP A 108 13.74 -7.70 14.85
N HIS A 109 13.18 -8.84 14.51
CA HIS A 109 11.73 -8.96 14.27
C HIS A 109 11.26 -10.38 14.55
N PRO A 110 10.04 -10.57 15.09
CA PRO A 110 9.55 -11.93 15.38
C PRO A 110 9.52 -12.87 14.17
N ASN A 111 9.40 -12.35 12.94
CA ASN A 111 9.38 -13.23 11.76
C ASN A 111 10.63 -13.22 10.87
N ILE A 112 11.76 -12.85 11.47
CA ILE A 112 13.05 -12.88 10.80
C ILE A 112 14.00 -13.73 11.65
N ILE A 113 14.64 -14.69 11.01
CA ILE A 113 15.56 -15.56 11.73
C ILE A 113 16.59 -14.73 12.51
N ARG A 114 16.85 -15.12 13.75
CA ARG A 114 17.82 -14.44 14.63
C ARG A 114 19.26 -14.94 14.42
N LEU A 115 20.17 -13.99 14.25
CA LEU A 115 21.59 -14.31 14.24
C LEU A 115 22.08 -14.51 15.68
N GLU A 116 22.66 -15.68 15.98
CA GLU A 116 23.24 -15.94 17.31
C GLU A 116 24.64 -15.39 17.34
N GLY A 117 25.32 -15.49 16.20
CA GLY A 117 26.66 -14.94 16.09
C GLY A 117 27.38 -15.46 14.87
N VAL A 118 28.69 -15.26 14.86
CA VAL A 118 29.50 -15.54 13.69
C VAL A 118 30.83 -16.16 14.09
N VAL A 119 31.43 -16.90 13.16
CA VAL A 119 32.78 -17.39 13.31
C VAL A 119 33.54 -16.91 12.07
N THR A 120 34.51 -16.03 12.29
CA THR A 120 35.19 -15.37 11.17
C THR A 120 36.71 -15.44 11.34
N ARG A 121 37.15 -15.84 12.53
CA ARG A 121 38.57 -15.87 12.85
C ARG A 121 39.29 -17.06 12.21
N GLY A 122 40.55 -16.83 11.85
CA GLY A 122 41.38 -17.91 11.37
C GLY A 122 40.86 -18.51 10.08
N ARG A 123 40.27 -17.68 9.25
CA ARG A 123 39.78 -18.04 7.91
C ARG A 123 38.49 -18.86 7.86
N LEU A 124 37.90 -19.16 9.02
CA LEU A 124 36.54 -19.70 9.05
C LEU A 124 35.57 -18.63 8.63
N ALA A 125 34.38 -19.03 8.21
CA ALA A 125 33.29 -18.12 7.88
C ALA A 125 31.97 -18.84 8.02
N MET A 126 31.38 -18.72 9.21
CA MET A 126 30.15 -19.40 9.55
C MET A 126 29.22 -18.39 10.16
N ILE A 127 27.95 -18.59 9.87
CA ILE A 127 26.86 -17.79 10.36
C ILE A 127 26.03 -18.68 11.28
N VAL A 128 25.89 -18.29 12.53
CA VAL A 128 25.19 -19.13 13.49
C VAL A 128 23.86 -18.48 13.81
N THR A 129 22.77 -19.20 13.55
CA THR A 129 21.41 -18.67 13.76
C THR A 129 20.63 -19.57 14.70
N GLU A 130 19.53 -19.05 15.25
CA GLU A 130 18.65 -19.85 16.09
C GLU A 130 18.23 -21.10 15.35
N TYR A 131 18.02 -22.17 16.10
CA TYR A 131 17.57 -23.42 15.53
C TYR A 131 16.05 -23.40 15.38
N MET A 132 15.54 -23.82 14.24
CA MET A 132 14.07 -23.85 14.02
C MET A 132 13.56 -25.28 14.02
N GLU A 133 12.93 -25.69 15.14
CA GLU A 133 12.52 -27.08 15.43
C GLU A 133 11.90 -27.78 14.22
N ASN A 134 11.09 -27.05 13.48
CA ASN A 134 10.30 -27.66 12.42
C ASN A 134 10.78 -27.37 11.01
N GLY A 135 11.99 -26.83 10.91
CA GLY A 135 12.63 -26.64 9.62
C GLY A 135 11.82 -25.89 8.56
N SER A 136 12.03 -26.27 7.31
CA SER A 136 11.45 -25.60 6.14
C SER A 136 9.95 -25.77 6.08
N LEU A 137 9.25 -24.67 5.79
CA LEU A 137 7.79 -24.66 5.73
C LEU A 137 7.19 -25.61 4.69
N ASP A 138 7.80 -25.75 3.53
CA ASP A 138 7.18 -26.62 2.52
C ASP A 138 7.22 -28.11 2.94
N THR A 139 8.37 -28.60 3.35
CA THR A 139 8.47 -29.99 3.79
C THR A 139 7.70 -30.23 5.10
N PHE A 140 7.67 -29.24 5.99
CA PHE A 140 6.83 -29.31 7.18
C PHE A 140 5.33 -29.58 6.91
N LEU A 141 4.73 -28.84 5.99
CA LEU A 141 3.31 -28.99 5.65
C LEU A 141 3.09 -30.29 4.89
N ARG A 142 4.05 -30.62 4.03
CA ARG A 142 4.02 -31.84 3.25
C ARG A 142 4.02 -33.08 4.17
N THR A 143 4.79 -33.01 5.25
CA THR A 143 4.84 -34.12 6.20
C THR A 143 3.71 -34.05 7.28
N HIS A 144 2.91 -32.97 7.27
CA HIS A 144 1.76 -32.84 8.17
C HIS A 144 0.51 -32.44 7.40
N ASP A 145 0.27 -33.17 6.32
CA ASP A 145 -0.72 -32.78 5.34
C ASP A 145 -2.11 -32.78 5.96
N GLY A 146 -2.82 -31.66 5.82
CA GLY A 146 -4.19 -31.56 6.34
C GLY A 146 -4.32 -31.44 7.86
N GLN A 147 -3.18 -31.28 8.56
CA GLN A 147 -3.20 -31.29 10.03
C GLN A 147 -3.50 -29.94 10.71
N PHE A 148 -3.55 -28.86 9.92
CA PHE A 148 -3.81 -27.52 10.47
C PHE A 148 -5.13 -26.93 9.97
N THR A 149 -5.68 -25.98 10.69
CA THR A 149 -6.91 -25.33 10.28
C THR A 149 -6.50 -24.21 9.34
N ILE A 150 -7.43 -23.79 8.49
CA ILE A 150 -7.18 -22.66 7.57
C ILE A 150 -6.71 -21.44 8.36
N MET A 151 -7.32 -21.20 9.52
CA MET A 151 -6.89 -20.09 10.37
C MET A 151 -5.41 -20.21 10.75
N GLN A 152 -4.95 -21.41 11.07
CA GLN A 152 -3.54 -21.60 11.46
C GLN A 152 -2.65 -21.33 10.25
N LEU A 153 -3.11 -21.75 9.07
CA LEU A 153 -2.35 -21.54 7.85
C LEU A 153 -2.30 -20.05 7.49
N VAL A 154 -3.40 -19.33 7.73
CA VAL A 154 -3.41 -17.88 7.48
C VAL A 154 -2.48 -17.16 8.47
N GLY A 155 -2.45 -17.64 9.70
CA GLY A 155 -1.54 -17.12 10.73
C GLY A 155 -0.08 -17.28 10.34
N MET A 156 0.24 -18.44 9.74
CA MET A 156 1.58 -18.69 9.24
C MET A 156 1.95 -17.69 8.15
N LEU A 157 1.03 -17.51 7.19
CA LEU A 157 1.20 -16.55 6.12
C LEU A 157 1.32 -15.11 6.59
N ARG A 158 0.51 -14.73 7.56
CA ARG A 158 0.58 -13.38 8.12
C ARG A 158 1.97 -13.13 8.72
N GLY A 159 2.54 -14.15 9.37
CA GLY A 159 3.88 -14.07 9.96
C GLY A 159 4.95 -13.84 8.89
N VAL A 160 4.91 -14.64 7.83
CA VAL A 160 5.80 -14.41 6.69
C VAL A 160 5.61 -12.99 6.15
N GLY A 161 4.35 -12.58 5.99
CA GLY A 161 4.03 -11.23 5.53
C GLY A 161 4.61 -10.13 6.41
N ALA A 162 4.48 -10.28 7.72
CA ALA A 162 5.08 -9.33 8.68
C ALA A 162 6.61 -9.22 8.57
N GLY A 163 7.27 -10.37 8.41
CA GLY A 163 8.71 -10.40 8.20
C GLY A 163 9.13 -9.68 6.94
N MET A 164 8.39 -9.89 5.85
CA MET A 164 8.63 -9.25 4.57
C MET A 164 8.34 -7.74 4.62
N ARG A 165 7.28 -7.35 5.31
CA ARG A 165 6.98 -5.92 5.52
C ARG A 165 8.12 -5.24 6.26
N TYR A 166 8.64 -5.90 7.31
CA TYR A 166 9.76 -5.38 8.10
C TYR A 166 10.97 -5.18 7.19
N LEU A 167 11.26 -6.22 6.42
CA LEU A 167 12.37 -6.26 5.49
C LEU A 167 12.28 -5.20 4.40
N SER A 168 11.14 -5.14 3.72
CA SER A 168 10.95 -4.15 2.66
C SER A 168 10.94 -2.70 3.18
N ASP A 169 10.37 -2.46 4.36
CA ASP A 169 10.37 -1.12 4.95
C ASP A 169 11.80 -0.61 5.16
N LEU A 170 12.72 -1.54 5.46
CA LEU A 170 14.15 -1.23 5.63
C LEU A 170 14.84 -1.05 4.30
N GLY A 171 14.17 -1.44 3.22
CA GLY A 171 14.67 -1.19 1.88
C GLY A 171 15.38 -2.36 1.23
N TYR A 172 15.14 -3.57 1.76
CA TYR A 172 15.75 -4.80 1.20
C TYR A 172 14.77 -5.55 0.34
N VAL A 173 15.30 -6.11 -0.74
CA VAL A 173 14.57 -7.06 -1.56
C VAL A 173 15.25 -8.39 -1.31
N HIS A 174 14.44 -9.44 -1.14
CA HIS A 174 14.89 -10.77 -0.74
C HIS A 174 15.37 -11.59 -1.93
N ARG A 175 14.51 -11.70 -2.95
CA ARG A 175 14.84 -12.32 -4.25
C ARG A 175 14.74 -13.85 -4.26
N ASP A 176 14.59 -14.46 -3.09
CA ASP A 176 14.61 -15.91 -2.98
C ASP A 176 13.51 -16.36 -2.01
N LEU A 177 12.37 -15.67 -2.02
CA LEU A 177 11.27 -16.02 -1.13
C LEU A 177 10.46 -17.21 -1.65
N ALA A 178 10.31 -18.20 -0.78
CA ALA A 178 9.70 -19.49 -1.11
C ALA A 178 9.44 -20.20 0.21
N ALA A 179 8.47 -21.12 0.25
CA ALA A 179 8.23 -21.88 1.49
C ALA A 179 9.50 -22.64 1.95
N ARG A 180 10.35 -23.07 1.01
CA ARG A 180 11.59 -23.75 1.39
C ARG A 180 12.49 -22.85 2.25
N ASN A 181 12.38 -21.54 2.05
CA ASN A 181 13.15 -20.54 2.81
C ASN A 181 12.39 -19.84 3.92
N VAL A 182 11.25 -20.39 4.29
CA VAL A 182 10.58 -19.96 5.50
C VAL A 182 10.78 -21.09 6.51
N LEU A 183 11.22 -20.75 7.72
CA LEU A 183 11.53 -21.75 8.74
C LEU A 183 10.47 -21.69 9.82
N VAL A 184 10.20 -22.82 10.46
CA VAL A 184 9.07 -22.92 11.40
C VAL A 184 9.57 -23.24 12.79
N ASP A 185 9.18 -22.47 13.80
CA ASP A 185 9.56 -22.81 15.17
C ASP A 185 8.53 -23.75 15.87
N SER A 186 8.78 -24.08 17.12
CA SER A 186 7.99 -25.10 17.78
C SER A 186 6.56 -24.62 18.00
N ASN A 187 6.37 -23.29 18.07
CA ASN A 187 5.04 -22.70 18.20
C ASN A 187 4.36 -22.33 16.86
N LEU A 188 4.90 -22.85 15.75
CA LEU A 188 4.31 -22.70 14.39
C LEU A 188 4.58 -21.29 13.82
N VAL A 189 5.46 -20.56 14.50
CA VAL A 189 5.86 -19.23 14.06
C VAL A 189 6.77 -19.37 12.83
N CYS A 190 6.39 -18.69 11.75
CA CYS A 190 7.16 -18.72 10.52
C CYS A 190 8.14 -17.55 10.43
N LYS A 191 9.39 -17.87 10.08
CA LYS A 191 10.45 -16.86 10.00
C LYS A 191 11.12 -16.89 8.65
N VAL A 192 11.31 -15.71 8.08
CA VAL A 192 12.00 -15.56 6.83
C VAL A 192 13.49 -15.80 7.06
N SER A 193 14.10 -16.59 6.19
CA SER A 193 15.50 -16.92 6.33
C SER A 193 16.26 -16.74 5.01
N ASP A 194 17.55 -17.00 5.06
CA ASP A 194 18.42 -17.06 3.88
C ASP A 194 18.53 -15.73 3.13
N PHE A 195 19.45 -14.91 3.61
CA PHE A 195 19.56 -13.53 3.17
C PHE A 195 20.74 -13.35 2.23
N GLY A 196 21.08 -14.44 1.52
CA GLY A 196 22.29 -14.52 0.72
C GLY A 196 22.15 -13.74 -0.57
N LEU A 197 20.92 -13.69 -1.07
CA LEU A 197 20.62 -12.94 -2.28
C LEU A 197 19.99 -11.59 -1.96
N SER A 198 19.83 -11.28 -0.67
CA SER A 198 19.18 -10.02 -0.26
C SER A 198 20.02 -8.81 -0.61
N ARG A 199 19.40 -7.79 -1.23
CA ARG A 199 20.10 -6.56 -1.60
C ARG A 199 19.28 -5.34 -1.24
N VAL A 200 19.97 -4.22 -1.00
CA VAL A 200 19.30 -2.96 -0.72
C VAL A 200 18.91 -2.29 -2.05
N LEU A 201 17.77 -1.60 -2.04
CA LEU A 201 17.26 -0.89 -3.22
C LEU A 201 17.70 0.58 -3.15
N GLU A 202 17.25 1.41 -4.09
CA GLU A 202 17.49 2.86 -4.02
C GLU A 202 16.26 3.60 -3.50
N ALA A 207 11.18 1.30 -7.16
CA ALA A 207 12.59 1.03 -6.91
C ALA A 207 12.96 -0.40 -7.33
N ALA A 208 13.99 -0.53 -8.17
CA ALA A 208 14.41 -1.82 -8.71
C ALA A 208 15.89 -2.16 -8.43
N TYR A 209 16.32 -3.34 -8.89
CA TYR A 209 17.70 -3.83 -8.74
C TYR A 209 17.99 -4.92 -9.79
N THR A 210 19.15 -4.81 -10.44
CA THR A 210 19.56 -5.77 -11.49
C THR A 210 20.70 -6.67 -11.03
N THR A 211 20.57 -7.98 -11.29
CA THR A 211 21.64 -8.93 -10.93
C THR A 211 22.47 -9.32 -12.15
N THR A 212 23.73 -8.90 -12.14
CA THR A 212 24.66 -9.11 -13.25
C THR A 212 25.07 -10.58 -13.38
N ILE A 216 17.87 -18.38 -11.79
CA ILE A 216 16.80 -18.00 -10.84
C ILE A 216 15.76 -19.12 -10.70
N PRO A 217 15.14 -19.27 -9.51
CA PRO A 217 14.07 -20.26 -9.29
C PRO A 217 12.78 -19.84 -9.97
N ILE A 218 12.66 -20.29 -11.21
CA ILE A 218 11.62 -19.89 -12.15
C ILE A 218 10.17 -19.91 -11.60
N ARG A 219 9.82 -20.92 -10.80
CA ARG A 219 8.42 -21.11 -10.39
C ARG A 219 7.94 -20.09 -9.32
N TRP A 220 8.89 -19.41 -8.68
CA TRP A 220 8.62 -18.44 -7.62
C TRP A 220 8.98 -17.01 -8.02
N THR A 221 9.56 -16.83 -9.21
CA THR A 221 10.09 -15.51 -9.57
C THR A 221 9.12 -14.77 -10.47
N ALA A 222 8.91 -13.48 -10.20
CA ALA A 222 8.12 -12.64 -11.10
C ALA A 222 8.70 -12.66 -12.52
N PRO A 223 7.82 -12.61 -13.57
CA PRO A 223 8.27 -12.68 -14.95
C PRO A 223 9.20 -11.53 -15.35
N GLU A 224 9.02 -10.34 -14.80
CA GLU A 224 9.92 -9.24 -15.12
C GLU A 224 11.33 -9.46 -14.57
N ALA A 225 11.43 -10.17 -13.44
CA ALA A 225 12.71 -10.53 -12.85
C ALA A 225 13.39 -11.70 -13.57
N ILE A 226 12.58 -12.66 -14.04
CA ILE A 226 13.09 -13.71 -14.93
C ILE A 226 13.61 -13.12 -16.24
N ALA A 227 12.77 -12.27 -16.86
CA ALA A 227 13.02 -11.78 -18.19
C ALA A 227 14.10 -10.70 -18.20
N PHE A 228 13.99 -9.73 -17.31
CA PHE A 228 14.84 -8.56 -17.40
C PHE A 228 15.74 -8.35 -16.18
N ARG A 229 15.75 -9.34 -15.28
CA ARG A 229 16.54 -9.32 -14.04
C ARG A 229 16.28 -8.08 -13.16
N THR A 230 15.06 -7.55 -13.26
CA THR A 230 14.67 -6.42 -12.41
C THR A 230 13.91 -6.91 -11.18
N PHE A 231 14.60 -6.89 -10.05
CA PHE A 231 14.08 -7.35 -8.79
C PHE A 231 13.66 -6.13 -7.97
N SER A 232 12.51 -6.25 -7.28
CA SER A 232 11.94 -5.16 -6.49
C SER A 232 11.17 -5.74 -5.32
N SER A 233 10.75 -4.91 -4.39
CA SER A 233 9.83 -5.35 -3.37
C SER A 233 8.59 -5.94 -4.07
N ALA A 234 8.25 -5.41 -5.23
CA ALA A 234 7.08 -5.89 -5.96
C ALA A 234 7.31 -7.27 -6.56
N SER A 235 8.55 -7.60 -6.92
CA SER A 235 8.81 -8.99 -7.35
C SER A 235 8.83 -10.01 -6.15
N ASP A 236 9.28 -9.57 -4.98
CA ASP A 236 9.09 -10.33 -3.72
C ASP A 236 7.61 -10.58 -3.37
N VAL A 237 6.76 -9.58 -3.65
CA VAL A 237 5.32 -9.72 -3.50
C VAL A 237 4.79 -10.84 -4.45
N TRP A 238 5.24 -10.87 -5.68
CA TRP A 238 4.90 -12.01 -6.53
C TRP A 238 5.29 -13.31 -5.86
N SER A 239 6.52 -13.39 -5.32
CA SER A 239 7.00 -14.61 -4.66
C SER A 239 6.12 -14.96 -3.45
N PHE A 240 5.73 -13.95 -2.68
CA PHE A 240 4.83 -14.13 -1.53
C PHE A 240 3.51 -14.80 -1.92
N GLY A 241 2.94 -14.39 -3.06
CA GLY A 241 1.75 -15.04 -3.62
C GLY A 241 1.94 -16.54 -3.81
N VAL A 242 3.09 -16.93 -4.32
CA VAL A 242 3.39 -18.32 -4.59
C VAL A 242 3.52 -19.04 -3.25
N VAL A 243 4.17 -18.38 -2.28
CA VAL A 243 4.26 -18.93 -0.94
C VAL A 243 2.83 -19.17 -0.40
N MET A 244 1.93 -18.21 -0.59
CA MET A 244 0.54 -18.34 -0.12
C MET A 244 -0.08 -19.58 -0.74
N TRP A 245 0.16 -19.74 -2.05
CA TRP A 245 -0.30 -20.91 -2.77
C TRP A 245 0.28 -22.21 -2.18
N GLU A 246 1.59 -22.25 -1.98
CA GLU A 246 2.26 -23.44 -1.39
C GLU A 246 1.67 -23.82 -0.07
N VAL A 247 1.48 -22.82 0.78
CA VAL A 247 0.96 -23.07 2.10
C VAL A 247 -0.47 -23.65 2.03
N LEU A 248 -1.35 -23.03 1.25
CA LEU A 248 -2.73 -23.52 1.15
C LEU A 248 -2.82 -24.89 0.44
N ALA A 249 -1.82 -25.19 -0.40
CA ALA A 249 -1.71 -26.50 -1.04
C ALA A 249 -0.89 -27.51 -0.20
N TYR A 250 -0.53 -27.15 1.04
CA TYR A 250 0.32 -27.98 1.89
C TYR A 250 1.62 -28.48 1.18
N GLY A 251 2.47 -27.56 0.71
CA GLY A 251 3.75 -27.93 0.10
C GLY A 251 3.70 -28.65 -1.25
N GLU A 252 2.60 -28.47 -1.98
CA GLU A 252 2.50 -28.92 -3.36
C GLU A 252 3.49 -28.12 -4.20
N ARG A 253 4.09 -28.74 -5.21
N ARG A 253 4.02 -28.74 -5.24
CA ARG A 253 5.07 -28.01 -6.06
CA ARG A 253 4.96 -28.09 -6.16
C ARG A 253 4.36 -27.10 -7.06
C ARG A 253 4.23 -27.06 -7.04
N PRO A 254 4.70 -25.80 -7.08
CA PRO A 254 4.03 -24.85 -7.97
C PRO A 254 4.16 -25.25 -9.44
N TYR A 255 3.03 -25.28 -10.16
CA TYR A 255 2.98 -25.64 -11.60
C TYR A 255 3.46 -27.09 -11.81
N TRP A 256 3.07 -27.97 -10.88
CA TRP A 256 3.53 -29.38 -10.85
C TRP A 256 3.30 -30.09 -12.18
N ASN A 257 2.26 -29.70 -12.90
CA ASN A 257 1.96 -30.28 -14.23
C ASN A 257 2.79 -29.73 -15.40
N MET A 258 3.73 -28.84 -15.12
CA MET A 258 4.41 -28.09 -16.16
C MET A 258 5.91 -28.21 -16.04
N THR A 259 6.57 -28.24 -17.20
CA THR A 259 8.01 -28.09 -17.27
C THR A 259 8.36 -26.61 -17.13
N ASN A 260 9.64 -26.31 -16.92
CA ASN A 260 10.10 -24.92 -16.69
C ASN A 260 9.74 -23.96 -17.82
N ARG A 261 9.92 -24.42 -19.05
CA ARG A 261 9.65 -23.58 -20.23
C ARG A 261 8.16 -23.35 -20.42
N ASP A 262 7.36 -24.34 -20.01
CA ASP A 262 5.91 -24.20 -19.98
C ASP A 262 5.50 -23.16 -18.92
N VAL A 263 6.17 -23.15 -17.78
CA VAL A 263 5.92 -22.10 -16.75
C VAL A 263 6.15 -20.67 -17.27
N ILE A 264 7.33 -20.42 -17.84
CA ILE A 264 7.66 -19.12 -18.38
C ILE A 264 6.61 -18.66 -19.41
N SER A 265 6.29 -19.50 -20.40
CA SER A 265 5.40 -19.09 -21.49
C SER A 265 3.94 -18.97 -21.09
N SER A 266 3.46 -19.93 -20.28
CA SER A 266 2.09 -19.89 -19.79
C SER A 266 1.86 -18.67 -18.87
N VAL A 267 2.82 -18.34 -18.01
CA VAL A 267 2.66 -17.21 -17.09
C VAL A 267 2.60 -15.88 -17.84
N GLU A 268 3.48 -15.70 -18.83
CA GLU A 268 3.44 -14.45 -19.64
C GLU A 268 2.18 -14.37 -20.52
N GLU A 269 1.70 -15.53 -20.98
CA GLU A 269 0.42 -15.63 -21.64
C GLU A 269 -0.76 -15.38 -20.66
N GLY A 270 -0.47 -15.30 -19.35
CA GLY A 270 -1.49 -14.93 -18.36
C GLY A 270 -2.06 -16.05 -17.50
N TYR A 271 -1.50 -17.24 -17.64
CA TYR A 271 -1.84 -18.35 -16.76
C TYR A 271 -1.45 -18.04 -15.32
N ARG A 272 -2.33 -18.41 -14.39
CA ARG A 272 -2.11 -18.25 -12.96
C ARG A 272 -2.44 -19.55 -12.23
N LEU A 273 -1.66 -19.87 -11.20
CA LEU A 273 -1.97 -21.03 -10.34
C LEU A 273 -3.44 -21.05 -9.89
N PRO A 274 -4.16 -22.18 -10.08
CA PRO A 274 -5.54 -22.20 -9.56
C PRO A 274 -5.61 -22.32 -8.05
N ALA A 275 -6.66 -21.72 -7.47
CA ALA A 275 -6.91 -21.84 -6.04
C ALA A 275 -6.82 -23.32 -5.58
N PRO A 276 -6.02 -23.60 -4.52
CA PRO A 276 -6.00 -24.94 -3.93
C PRO A 276 -7.36 -25.26 -3.24
N MET A 277 -7.71 -26.53 -3.11
CA MET A 277 -8.97 -26.91 -2.45
C MET A 277 -8.99 -26.34 -1.03
N GLY A 278 -10.13 -25.80 -0.62
CA GLY A 278 -10.28 -25.25 0.74
C GLY A 278 -9.87 -23.80 0.84
N CYS A 279 -9.29 -23.26 -0.23
CA CYS A 279 -8.83 -21.88 -0.23
C CYS A 279 -10.03 -20.92 -0.29
N PRO A 280 -10.17 -20.03 0.72
CA PRO A 280 -11.20 -18.99 0.78
C PRO A 280 -11.06 -18.00 -0.38
N HIS A 281 -12.18 -17.43 -0.84
N HIS A 281 -12.17 -17.43 -0.84
CA HIS A 281 -12.16 -16.56 -2.02
CA HIS A 281 -12.17 -16.52 -2.01
C HIS A 281 -11.27 -15.31 -1.87
C HIS A 281 -11.21 -15.35 -1.86
N ALA A 282 -11.30 -14.66 -0.71
CA ALA A 282 -10.47 -13.48 -0.46
C ALA A 282 -8.95 -13.81 -0.49
N LEU A 283 -8.61 -15.03 -0.09
CA LEU A 283 -7.24 -15.50 -0.17
C LEU A 283 -6.78 -15.71 -1.59
N HIS A 284 -7.66 -16.27 -2.43
CA HIS A 284 -7.31 -16.44 -3.80
C HIS A 284 -7.15 -15.08 -4.50
N GLN A 285 -8.09 -14.17 -4.22
CA GLN A 285 -8.00 -12.83 -4.79
C GLN A 285 -6.68 -12.14 -4.44
N LEU A 286 -6.34 -12.14 -3.16
CA LEU A 286 -5.03 -11.67 -2.73
C LEU A 286 -3.86 -12.28 -3.51
N MET A 287 -3.86 -13.60 -3.73
CA MET A 287 -2.81 -14.25 -4.59
C MET A 287 -2.74 -13.71 -6.00
N LEU A 288 -3.88 -13.72 -6.67
CA LEU A 288 -4.03 -13.13 -8.00
C LEU A 288 -3.53 -11.70 -8.06
N ASP A 289 -3.80 -10.91 -7.01
CA ASP A 289 -3.31 -9.52 -6.95
C ASP A 289 -1.80 -9.46 -6.85
N CYS A 290 -1.22 -10.35 -6.04
CA CYS A 290 0.24 -10.46 -5.96
C CYS A 290 0.83 -10.78 -7.31
N TRP A 291 0.03 -11.41 -8.18
CA TRP A 291 0.53 -11.85 -9.48
C TRP A 291 0.09 -11.00 -10.65
N HIS A 292 -0.20 -9.72 -10.41
CA HIS A 292 -0.48 -8.85 -11.52
C HIS A 292 0.75 -8.75 -12.42
N LYS A 293 0.50 -8.67 -13.72
CA LYS A 293 1.53 -8.54 -14.75
C LYS A 293 2.30 -7.23 -14.58
N ASP A 294 1.57 -6.17 -14.23
CA ASP A 294 2.13 -4.88 -13.90
C ASP A 294 2.50 -4.82 -12.43
N ARG A 295 3.80 -4.81 -12.16
CA ARG A 295 4.32 -4.83 -10.81
C ARG A 295 3.79 -3.69 -9.97
N ALA A 296 3.53 -2.55 -10.61
CA ALA A 296 3.00 -1.41 -9.87
C ALA A 296 1.55 -1.64 -9.40
N GLN A 297 0.86 -2.63 -9.95
CA GLN A 297 -0.52 -2.89 -9.51
C GLN A 297 -0.63 -3.89 -8.38
N ARG A 298 0.50 -4.53 -8.05
CA ARG A 298 0.56 -5.46 -6.94
C ARG A 298 0.48 -4.73 -5.61
N PRO A 299 -0.21 -5.35 -4.62
CA PRO A 299 -0.23 -4.75 -3.29
C PRO A 299 1.17 -4.72 -2.68
N ARG A 300 1.39 -3.79 -1.77
CA ARG A 300 2.65 -3.76 -1.03
C ARG A 300 2.48 -4.64 0.20
N PHE A 301 3.58 -5.04 0.82
CA PHE A 301 3.51 -5.96 1.98
C PHE A 301 2.64 -5.44 3.10
N SER A 302 2.71 -4.13 3.33
CA SER A 302 1.89 -3.47 4.32
C SER A 302 0.39 -3.77 4.15
N GLN A 303 -0.02 -3.80 2.88
CA GLN A 303 -1.41 -4.01 2.49
C GLN A 303 -1.74 -5.49 2.60
N ILE A 304 -0.78 -6.34 2.21
CA ILE A 304 -0.89 -7.78 2.33
C ILE A 304 -1.16 -8.19 3.79
N VAL A 305 -0.40 -7.57 4.71
CA VAL A 305 -0.52 -7.85 6.13
C VAL A 305 -1.87 -7.36 6.68
N SER A 306 -2.31 -6.17 6.28
CA SER A 306 -3.59 -5.69 6.75
C SER A 306 -4.75 -6.55 6.20
N VAL A 307 -4.61 -7.03 4.97
CA VAL A 307 -5.62 -7.95 4.43
C VAL A 307 -5.65 -9.24 5.24
N LEU A 308 -4.49 -9.85 5.48
CA LEU A 308 -4.48 -11.09 6.28
C LEU A 308 -4.99 -10.88 7.70
N ASP A 309 -4.66 -9.74 8.30
CA ASP A 309 -5.08 -9.39 9.64
C ASP A 309 -6.60 -9.31 9.72
N ALA A 310 -7.20 -8.71 8.69
CA ALA A 310 -8.66 -8.60 8.57
C ALA A 310 -9.32 -9.96 8.48
N LEU A 311 -8.71 -10.91 7.77
CA LEU A 311 -9.29 -12.25 7.68
C LEU A 311 -9.12 -13.07 8.96
N ILE A 312 -8.06 -12.83 9.71
CA ILE A 312 -7.89 -13.40 11.05
C ILE A 312 -8.88 -12.83 12.07
N ARG A 313 -9.24 -11.56 11.91
CA ARG A 313 -10.10 -10.85 12.86
C ARG A 313 -11.57 -11.20 12.62
N SER A 314 -11.97 -11.18 11.35
CA SER A 314 -13.32 -11.64 10.94
C SER A 314 -13.21 -12.71 9.85
N PRO A 315 -13.12 -13.99 10.24
CA PRO A 315 -12.92 -15.07 9.27
C PRO A 315 -14.05 -15.20 8.24
N GLU A 316 -13.67 -15.45 6.98
CA GLU A 316 -14.62 -15.72 5.91
C GLU A 316 -14.72 -17.23 5.70
N THR B 43 6.37 36.27 4.61
CA THR B 43 5.23 35.78 5.46
C THR B 43 4.03 35.40 4.58
N ARG B 44 3.10 34.64 5.14
CA ARG B 44 1.88 34.27 4.41
C ARG B 44 0.67 35.01 4.93
N GLU B 45 0.87 35.93 5.88
CA GLU B 45 -0.20 36.83 6.27
C GLU B 45 -0.34 37.89 5.19
N ILE B 46 -1.57 38.09 4.74
CA ILE B 46 -1.87 39.01 3.65
C ILE B 46 -2.59 40.24 4.19
N GLU B 47 -1.99 41.40 3.91
CA GLU B 47 -2.58 42.72 4.14
C GLU B 47 -3.88 42.84 3.33
N ALA B 48 -5.00 43.11 4.00
CA ALA B 48 -6.33 43.14 3.32
C ALA B 48 -6.41 44.10 2.12
N SER B 49 -5.69 45.21 2.16
CA SER B 49 -5.60 46.14 1.00
C SER B 49 -5.02 45.52 -0.28
N ARG B 50 -4.48 44.30 -0.18
CA ARG B 50 -3.92 43.64 -1.37
C ARG B 50 -4.98 42.86 -2.11
N ILE B 51 -6.14 42.69 -1.47
CA ILE B 51 -7.21 41.92 -2.06
C ILE B 51 -8.28 42.77 -2.76
N HIS B 52 -8.51 42.43 -4.03
CA HIS B 52 -9.61 42.97 -4.82
C HIS B 52 -10.68 41.88 -4.94
N ILE B 53 -11.91 42.23 -4.52
CA ILE B 53 -13.02 41.29 -4.52
C ILE B 53 -14.00 41.63 -5.65
N GLU B 54 -14.38 40.61 -6.41
CA GLU B 54 -15.31 40.79 -7.53
C GLU B 54 -16.63 40.05 -7.34
N LYS B 55 -16.60 38.99 -6.55
CA LYS B 55 -17.74 38.11 -6.36
C LYS B 55 -17.71 37.63 -4.92
N ILE B 56 -18.88 37.60 -4.28
CA ILE B 56 -19.01 37.19 -2.89
C ILE B 56 -20.28 36.33 -2.76
N ILE B 57 -20.11 35.11 -2.24
CA ILE B 57 -21.23 34.17 -2.07
C ILE B 57 -21.38 33.64 -0.64
N GLY B 58 -22.59 33.23 -0.27
CA GLY B 58 -22.84 32.59 1.03
C GLY B 58 -22.35 31.15 1.07
N SER B 59 -22.02 30.65 2.27
CA SER B 59 -21.62 29.24 2.49
C SER B 59 -21.99 28.76 3.88
N GLY B 60 -22.98 27.87 3.95
CA GLY B 60 -23.39 27.26 5.21
C GLY B 60 -23.77 28.28 6.27
N ASP B 61 -23.60 27.89 7.53
CA ASP B 61 -23.96 28.72 8.69
C ASP B 61 -23.46 30.16 8.56
N SER B 62 -22.17 30.39 8.86
CA SER B 62 -21.56 31.70 8.66
C SER B 62 -20.25 31.57 7.91
N GLY B 63 -20.35 31.13 6.66
CA GLY B 63 -19.21 31.10 5.76
C GLY B 63 -19.49 31.96 4.54
N GLU B 64 -18.42 32.38 3.87
CA GLU B 64 -18.51 33.25 2.74
C GLU B 64 -17.40 32.83 1.81
N VAL B 65 -17.66 32.86 0.53
CA VAL B 65 -16.66 32.55 -0.48
C VAL B 65 -16.56 33.71 -1.44
N CYS B 66 -15.33 34.16 -1.70
CA CYS B 66 -15.11 35.29 -2.59
C CYS B 66 -14.12 34.93 -3.66
N TYR B 67 -14.30 35.57 -4.82
CA TYR B 67 -13.35 35.50 -5.91
C TYR B 67 -12.89 36.90 -6.25
N GLY B 68 -11.63 37.00 -6.68
CA GLY B 68 -11.08 38.27 -7.07
C GLY B 68 -9.62 38.08 -7.35
N ARG B 69 -8.82 39.04 -6.94
CA ARG B 69 -7.39 38.92 -7.14
C ARG B 69 -6.52 39.57 -6.06
N LEU B 70 -5.25 39.17 -6.08
CA LEU B 70 -4.28 39.50 -5.05
C LEU B 70 -3.15 40.24 -5.70
N ARG B 71 -2.88 41.44 -5.21
CA ARG B 71 -1.70 42.17 -5.63
C ARG B 71 -0.48 41.50 -5.02
N VAL B 72 0.51 41.22 -5.86
CA VAL B 72 1.80 40.66 -5.43
C VAL B 72 2.90 41.63 -5.87
N PRO B 73 3.72 42.12 -4.91
CA PRO B 73 4.72 43.13 -5.24
C PRO B 73 5.62 42.71 -6.41
N GLY B 74 5.64 43.52 -7.46
CA GLY B 74 6.60 43.36 -8.56
C GLY B 74 6.29 42.24 -9.54
N GLN B 75 5.04 41.80 -9.51
CA GLN B 75 4.51 40.72 -10.33
C GLN B 75 3.08 41.03 -10.71
N ARG B 76 2.61 40.36 -11.77
CA ARG B 76 1.21 40.36 -12.13
C ARG B 76 0.35 40.07 -10.90
N ASP B 77 -0.84 40.67 -10.83
CA ASP B 77 -1.82 40.27 -9.82
C ASP B 77 -2.16 38.81 -10.03
N VAL B 78 -2.44 38.13 -8.92
CA VAL B 78 -2.77 36.72 -8.94
C VAL B 78 -4.28 36.52 -8.70
N PRO B 79 -4.98 35.88 -9.66
CA PRO B 79 -6.40 35.58 -9.40
C PRO B 79 -6.54 34.58 -8.23
N VAL B 80 -7.50 34.81 -7.36
CA VAL B 80 -7.64 34.04 -6.11
C VAL B 80 -9.09 33.74 -5.72
N ALA B 81 -9.25 32.64 -4.98
CA ALA B 81 -10.50 32.33 -4.28
C ALA B 81 -10.27 32.59 -2.83
N ILE B 82 -11.33 32.97 -2.12
CA ILE B 82 -11.20 33.24 -0.68
C ILE B 82 -12.31 32.54 0.06
N LYS B 83 -12.00 31.97 1.21
CA LYS B 83 -13.01 31.51 2.13
C LYS B 83 -12.85 32.22 3.47
N ALA B 84 -13.94 32.77 3.98
CA ALA B 84 -13.93 33.54 5.20
C ALA B 84 -15.03 33.09 6.14
N LEU B 85 -14.81 33.34 7.42
CA LEU B 85 -15.89 33.31 8.39
C LEU B 85 -16.56 34.67 8.33
N LYS B 86 -17.90 34.69 8.27
CA LYS B 86 -18.68 35.93 8.44
C LYS B 86 -18.53 36.43 9.88
N ALA B 87 -18.57 37.76 10.05
CA ALA B 87 -18.39 38.41 11.36
C ALA B 87 -19.24 37.79 12.49
N GLY B 88 -18.65 37.68 13.68
CA GLY B 88 -19.30 37.01 14.82
C GLY B 88 -19.13 35.51 14.72
N TYR B 89 -18.32 34.93 15.61
CA TYR B 89 -18.03 33.48 15.62
C TYR B 89 -17.29 33.07 16.90
N THR B 90 -17.29 31.77 17.17
CA THR B 90 -16.81 31.24 18.45
C THR B 90 -15.29 31.17 18.56
N GLU B 91 -14.82 31.27 19.81
CA GLU B 91 -13.39 31.24 20.13
C GLU B 91 -12.69 30.08 19.45
N ARG B 92 -13.11 28.86 19.78
CA ARG B 92 -12.53 27.63 19.21
C ARG B 92 -12.99 27.34 17.76
N GLN B 93 -13.95 28.13 17.27
CA GLN B 93 -14.41 28.00 15.87
C GLN B 93 -13.41 28.62 14.90
N ARG B 94 -12.98 29.85 15.20
CA ARG B 94 -11.92 30.54 14.48
C ARG B 94 -10.63 29.71 14.43
N ARG B 95 -10.31 29.04 15.53
CA ARG B 95 -9.14 28.15 15.61
C ARG B 95 -9.30 26.93 14.70
N ASP B 96 -10.50 26.34 14.71
CA ASP B 96 -10.84 25.24 13.80
C ASP B 96 -10.68 25.70 12.37
N PHE B 97 -11.21 26.88 12.06
CA PHE B 97 -11.08 27.45 10.72
C PHE B 97 -9.63 27.54 10.30
N LEU B 98 -8.80 28.18 11.12
CA LEU B 98 -7.39 28.43 10.73
C LEU B 98 -6.48 27.18 10.71
N SER B 99 -6.85 26.15 11.45
CA SER B 99 -6.12 24.88 11.41
C SER B 99 -6.19 24.28 10.00
N GLU B 100 -7.30 24.50 9.32
CA GLU B 100 -7.44 24.14 7.92
C GLU B 100 -6.37 24.82 7.04
N ALA B 101 -6.17 26.13 7.25
CA ALA B 101 -5.15 26.87 6.52
C ALA B 101 -3.76 26.33 6.83
N SER B 102 -3.59 25.92 8.09
CA SER B 102 -2.33 25.40 8.61
C SER B 102 -1.92 24.08 7.92
N ILE B 103 -2.84 23.13 7.76
CA ILE B 103 -2.48 21.88 7.09
C ILE B 103 -2.28 22.11 5.57
N MET B 104 -3.11 22.98 4.99
CA MET B 104 -3.07 23.30 3.57
C MET B 104 -1.72 23.84 3.19
N GLY B 105 -1.15 24.66 4.07
CA GLY B 105 0.13 25.33 3.84
C GLY B 105 1.34 24.42 3.83
N GLN B 106 1.18 23.17 4.28
CA GLN B 106 2.29 22.23 4.22
C GLN B 106 2.31 21.40 2.93
N PHE B 107 1.23 21.41 2.17
CA PHE B 107 1.15 20.64 0.92
C PHE B 107 1.80 21.37 -0.25
N ASP B 108 2.43 20.60 -1.11
CA ASP B 108 3.00 21.13 -2.34
C ASP B 108 2.91 19.97 -3.32
N HIS B 109 1.83 19.96 -4.09
CA HIS B 109 1.59 18.91 -5.07
C HIS B 109 0.78 19.52 -6.19
N PRO B 110 1.01 19.07 -7.43
CA PRO B 110 0.28 19.57 -8.61
C PRO B 110 -1.23 19.36 -8.59
N ASN B 111 -1.69 18.31 -7.91
CA ASN B 111 -3.12 18.05 -7.79
C ASN B 111 -3.77 18.43 -6.45
N ILE B 112 -3.15 19.37 -5.77
CA ILE B 112 -3.64 19.89 -4.49
C ILE B 112 -3.72 21.42 -4.57
N ILE B 113 -4.88 21.97 -4.20
CA ILE B 113 -5.08 23.42 -4.18
C ILE B 113 -3.94 24.10 -3.37
N ARG B 114 -3.31 25.12 -3.97
CA ARG B 114 -2.25 25.87 -3.33
C ARG B 114 -2.82 26.99 -2.44
N LEU B 115 -2.30 27.09 -1.22
CA LEU B 115 -2.61 28.20 -0.32
C LEU B 115 -1.78 29.44 -0.69
N GLU B 116 -2.43 30.52 -1.06
CA GLU B 116 -1.68 31.77 -1.35
C GLU B 116 -1.34 32.50 -0.04
N GLY B 117 -2.21 32.34 0.95
CA GLY B 117 -1.96 32.92 2.23
C GLY B 117 -3.21 33.08 3.04
N VAL B 118 -3.11 33.88 4.10
CA VAL B 118 -4.17 34.01 5.09
C VAL B 118 -4.29 35.47 5.54
N VAL B 119 -5.49 35.81 5.99
CA VAL B 119 -5.77 37.10 6.57
C VAL B 119 -6.38 36.78 7.90
N THR B 120 -5.73 37.24 8.97
CA THR B 120 -6.02 36.81 10.32
C THR B 120 -5.99 37.99 11.33
N ARG B 121 -5.37 39.09 10.93
CA ARG B 121 -5.26 40.27 11.79
C ARG B 121 -6.60 40.97 11.92
N GLY B 122 -6.79 41.63 13.06
CA GLY B 122 -7.98 42.41 13.35
C GLY B 122 -9.26 41.59 13.40
N ARG B 123 -9.14 40.36 13.88
CA ARG B 123 -10.26 39.40 13.97
C ARG B 123 -10.87 38.92 12.64
N LEU B 124 -10.18 39.12 11.52
CA LEU B 124 -10.59 38.46 10.27
C LEU B 124 -10.07 37.02 10.26
N ALA B 125 -10.71 36.18 9.46
CA ALA B 125 -10.29 34.80 9.30
C ALA B 125 -10.57 34.41 7.86
N MET B 126 -9.57 34.55 7.00
CA MET B 126 -9.70 34.30 5.57
C MET B 126 -8.57 33.40 5.10
N ILE B 127 -8.93 32.39 4.31
CA ILE B 127 -7.96 31.51 3.63
C ILE B 127 -8.00 31.83 2.14
N VAL B 128 -6.84 32.23 1.62
CA VAL B 128 -6.73 32.70 0.24
C VAL B 128 -6.02 31.62 -0.57
N THR B 129 -6.70 31.07 -1.58
CA THR B 129 -6.16 29.97 -2.37
C THR B 129 -6.06 30.33 -3.85
N GLU B 130 -5.32 29.53 -4.62
CA GLU B 130 -5.23 29.75 -6.06
C GLU B 130 -6.63 29.69 -6.71
N TYR B 131 -6.81 30.50 -7.74
CA TYR B 131 -8.10 30.53 -8.47
C TYR B 131 -8.13 29.41 -9.51
N MET B 132 -9.26 28.71 -9.55
CA MET B 132 -9.42 27.62 -10.52
C MET B 132 -10.53 28.03 -11.45
N GLU B 133 -10.13 28.37 -12.68
CA GLU B 133 -11.04 29.06 -13.59
C GLU B 133 -12.26 28.23 -14.02
N ASN B 134 -12.11 26.90 -14.04
CA ASN B 134 -13.21 26.03 -14.37
C ASN B 134 -14.04 25.49 -13.21
N GLY B 135 -13.78 26.00 -12.00
CA GLY B 135 -14.62 25.71 -10.83
C GLY B 135 -14.71 24.24 -10.47
N SER B 136 -15.79 23.85 -9.81
CA SER B 136 -16.03 22.47 -9.41
C SER B 136 -16.16 21.55 -10.62
N LEU B 137 -15.55 20.38 -10.47
CA LEU B 137 -15.56 19.33 -11.48
C LEU B 137 -16.96 18.81 -11.84
N ASP B 138 -17.84 18.70 -10.85
CA ASP B 138 -19.17 18.17 -11.16
C ASP B 138 -19.94 19.08 -12.13
N THR B 139 -20.04 20.36 -11.79
CA THR B 139 -20.75 21.37 -12.60
C THR B 139 -20.01 21.66 -13.94
N PHE B 140 -18.68 21.66 -13.90
CA PHE B 140 -17.86 21.78 -15.11
C PHE B 140 -18.22 20.70 -16.16
N LEU B 141 -18.31 19.44 -15.72
CA LEU B 141 -18.64 18.35 -16.64
C LEU B 141 -20.12 18.39 -17.03
N ARG B 142 -20.97 18.82 -16.11
CA ARG B 142 -22.37 18.96 -16.39
C ARG B 142 -22.69 20.05 -17.42
N THR B 143 -21.85 21.08 -17.50
CA THR B 143 -22.00 22.16 -18.47
C THR B 143 -21.14 21.90 -19.74
N HIS B 144 -20.44 20.77 -19.79
CA HIS B 144 -19.68 20.39 -20.97
C HIS B 144 -19.93 18.94 -21.34
N ASP B 145 -21.20 18.55 -21.26
CA ASP B 145 -21.60 17.17 -21.27
C ASP B 145 -21.19 16.52 -22.59
N GLY B 146 -20.49 15.39 -22.51
CA GLY B 146 -19.99 14.66 -23.67
C GLY B 146 -18.86 15.32 -24.46
N GLN B 147 -18.29 16.42 -23.97
CA GLN B 147 -17.31 17.18 -24.76
C GLN B 147 -15.84 16.75 -24.63
N PHE B 148 -15.60 15.75 -23.77
CA PHE B 148 -14.26 15.23 -23.54
C PHE B 148 -14.11 13.76 -23.93
N THR B 149 -12.89 13.33 -24.23
CA THR B 149 -12.67 11.91 -24.53
C THR B 149 -12.54 11.10 -23.25
N ILE B 150 -12.75 9.79 -23.35
CA ILE B 150 -12.58 8.89 -22.20
C ILE B 150 -11.19 9.09 -21.63
N MET B 151 -10.20 9.23 -22.51
CA MET B 151 -8.82 9.41 -22.13
C MET B 151 -8.63 10.68 -21.32
N GLN B 152 -9.38 11.72 -21.67
CA GLN B 152 -9.31 13.01 -20.99
C GLN B 152 -9.99 12.89 -19.62
N LEU B 153 -11.10 12.19 -19.56
CA LEU B 153 -11.78 11.98 -18.30
C LEU B 153 -10.91 11.12 -17.35
N VAL B 154 -10.29 10.06 -17.89
CA VAL B 154 -9.32 9.23 -17.15
C VAL B 154 -8.10 10.03 -16.67
N GLY B 155 -7.58 10.91 -17.53
CA GLY B 155 -6.51 11.85 -17.13
C GLY B 155 -6.95 12.74 -15.96
N MET B 156 -8.20 13.20 -15.97
CA MET B 156 -8.72 13.94 -14.82
C MET B 156 -8.72 13.13 -13.54
N LEU B 157 -9.14 11.89 -13.63
CA LEU B 157 -9.26 11.03 -12.45
C LEU B 157 -7.90 10.66 -11.89
N ARG B 158 -6.92 10.57 -12.78
CA ARG B 158 -5.59 10.19 -12.41
C ARG B 158 -5.00 11.32 -11.61
N GLY B 159 -5.30 12.55 -12.00
CA GLY B 159 -4.83 13.74 -11.28
C GLY B 159 -5.37 13.75 -9.87
N VAL B 160 -6.67 13.52 -9.74
CA VAL B 160 -7.31 13.40 -8.44
C VAL B 160 -6.63 12.28 -7.67
N GLY B 161 -6.42 11.15 -8.34
CA GLY B 161 -5.72 10.00 -7.77
C GLY B 161 -4.37 10.39 -7.20
N ALA B 162 -3.56 11.08 -8.01
CA ALA B 162 -2.22 11.51 -7.53
C ALA B 162 -2.29 12.45 -6.32
N GLY B 163 -3.24 13.39 -6.33
CA GLY B 163 -3.45 14.27 -5.18
C GLY B 163 -3.76 13.50 -3.90
N MET B 164 -4.67 12.53 -4.01
CA MET B 164 -5.06 11.69 -2.87
C MET B 164 -3.94 10.76 -2.39
N ARG B 165 -3.14 10.26 -3.34
CA ARG B 165 -1.96 9.49 -3.02
C ARG B 165 -1.01 10.34 -2.21
N TYR B 166 -0.77 11.57 -2.67
CA TYR B 166 0.10 12.49 -1.95
C TYR B 166 -0.40 12.68 -0.52
N LEU B 167 -1.71 12.90 -0.38
CA LEU B 167 -2.32 13.25 0.89
C LEU B 167 -2.28 12.08 1.91
N SER B 168 -2.68 10.90 1.43
CA SER B 168 -2.63 9.70 2.26
C SER B 168 -1.20 9.31 2.65
N ASP B 169 -0.24 9.48 1.72
CA ASP B 169 1.16 9.17 2.04
C ASP B 169 1.57 10.03 3.23
N LEU B 170 0.99 11.23 3.34
CA LEU B 170 1.30 12.12 4.44
C LEU B 170 0.52 11.78 5.71
N GLY B 171 -0.43 10.85 5.60
CA GLY B 171 -1.23 10.38 6.74
C GLY B 171 -2.50 11.17 7.03
N TYR B 172 -3.06 11.83 6.01
CA TYR B 172 -4.33 12.60 6.12
C TYR B 172 -5.48 11.84 5.51
N VAL B 173 -6.62 11.85 6.20
CA VAL B 173 -7.89 11.42 5.62
C VAL B 173 -8.71 12.68 5.29
N HIS B 174 -9.22 12.74 4.07
CA HIS B 174 -9.89 13.94 3.58
C HIS B 174 -11.32 14.04 4.10
N ARG B 175 -12.07 12.94 3.95
CA ARG B 175 -13.44 12.78 4.49
C ARG B 175 -14.56 13.43 3.66
N ASP B 176 -14.22 14.23 2.67
CA ASP B 176 -15.25 15.01 1.97
C ASP B 176 -14.96 15.00 0.47
N LEU B 177 -14.31 13.93 0.00
CA LEU B 177 -13.95 13.79 -1.40
C LEU B 177 -15.16 13.52 -2.29
N ALA B 178 -15.39 14.42 -3.23
CA ALA B 178 -16.53 14.36 -4.14
C ALA B 178 -16.16 15.30 -5.26
N ALA B 179 -16.70 15.09 -6.46
CA ALA B 179 -16.42 15.96 -7.59
C ALA B 179 -16.70 17.46 -7.30
N ARG B 180 -17.71 17.77 -6.48
CA ARG B 180 -17.87 19.16 -6.03
C ARG B 180 -16.62 19.73 -5.36
N ASN B 181 -15.83 18.86 -4.69
CA ASN B 181 -14.59 19.28 -4.04
C ASN B 181 -13.30 19.11 -4.82
N VAL B 182 -13.42 18.73 -6.09
CA VAL B 182 -12.30 18.78 -7.02
C VAL B 182 -12.49 20.01 -7.90
N LEU B 183 -11.43 20.78 -8.06
CA LEU B 183 -11.48 22.01 -8.82
C LEU B 183 -10.69 21.84 -10.10
N VAL B 184 -11.09 22.55 -11.17
CA VAL B 184 -10.47 22.37 -12.50
C VAL B 184 -9.79 23.65 -13.03
N ASP B 185 -8.52 23.56 -13.45
CA ASP B 185 -7.88 24.76 -13.99
C ASP B 185 -8.06 24.83 -15.49
N SER B 186 -7.44 25.83 -16.10
CA SER B 186 -7.68 26.12 -17.51
C SER B 186 -7.19 25.01 -18.44
N ASN B 187 -6.15 24.30 -18.01
CA ASN B 187 -5.59 23.17 -18.74
C ASN B 187 -6.24 21.84 -18.36
N LEU B 188 -7.38 21.88 -17.66
CA LEU B 188 -8.13 20.69 -17.25
C LEU B 188 -7.43 19.87 -16.16
N VAL B 189 -6.43 20.46 -15.53
CA VAL B 189 -5.80 19.83 -14.38
C VAL B 189 -6.75 19.89 -13.19
N CYS B 190 -7.02 18.74 -12.62
CA CYS B 190 -7.90 18.63 -11.46
C CYS B 190 -7.17 18.66 -10.12
N LYS B 191 -7.69 19.40 -9.16
CA LYS B 191 -7.00 19.54 -7.88
C LYS B 191 -7.96 19.34 -6.74
N VAL B 192 -7.51 18.60 -5.73
CA VAL B 192 -8.26 18.35 -4.52
C VAL B 192 -8.27 19.63 -3.67
N SER B 193 -9.46 19.97 -3.15
CA SER B 193 -9.65 21.18 -2.37
C SER B 193 -10.47 20.83 -1.14
N ASP B 194 -10.74 21.87 -0.34
CA ASP B 194 -11.60 21.83 0.85
C ASP B 194 -11.12 20.88 1.92
N PHE B 195 -10.14 21.34 2.68
CA PHE B 195 -9.49 20.49 3.65
C PHE B 195 -10.02 20.68 5.05
N GLY B 196 -11.20 21.29 5.16
CA GLY B 196 -11.80 21.61 6.47
C GLY B 196 -12.10 20.39 7.34
N LEU B 197 -12.45 19.26 6.69
CA LEU B 197 -12.79 18.02 7.43
C LEU B 197 -11.61 17.06 7.54
N SER B 198 -10.50 17.45 6.90
CA SER B 198 -9.26 16.67 6.89
C SER B 198 -8.65 16.49 8.28
N ARG B 199 -8.24 15.24 8.57
CA ARG B 199 -7.62 14.89 9.84
C ARG B 199 -6.39 14.03 9.63
N VAL B 200 -5.32 14.37 10.33
CA VAL B 200 -4.13 13.53 10.33
C VAL B 200 -4.45 12.23 11.08
N LEU B 201 -3.94 11.13 10.54
CA LEU B 201 -4.08 9.82 11.15
C LEU B 201 -2.76 9.42 11.80
N GLU B 202 -2.85 8.53 12.79
CA GLU B 202 -1.68 7.92 13.43
C GLU B 202 -0.90 7.06 12.42
N ASP B 203 0.39 6.86 12.64
CA ASP B 203 1.25 6.23 11.62
C ASP B 203 1.12 4.70 11.56
N ASP B 204 -0.05 4.25 11.14
CA ASP B 204 -0.28 2.82 10.94
C ASP B 204 -0.95 2.59 9.59
N PRO B 205 -0.69 1.42 8.96
CA PRO B 205 -1.39 1.07 7.72
C PRO B 205 -2.91 1.01 7.95
N ASP B 206 -3.33 0.43 9.08
CA ASP B 206 -4.75 0.31 9.41
C ASP B 206 -5.31 1.52 10.19
N ALA B 207 -4.60 2.64 10.14
CA ALA B 207 -4.96 3.85 10.90
C ALA B 207 -6.36 4.34 10.54
N ALA B 208 -7.03 4.92 11.53
CA ALA B 208 -8.37 5.46 11.32
C ALA B 208 -8.65 6.58 12.32
N THR B 210 -12.02 8.36 14.33
CA THR B 210 -13.43 8.17 14.71
C THR B 210 -14.07 9.51 15.13
N THR B 211 -15.06 9.99 14.37
CA THR B 211 -15.71 11.28 14.65
C THR B 211 -16.64 11.25 15.86
N GLY B 213 -21.72 12.82 13.94
CA GLY B 213 -20.45 13.56 13.94
C GLY B 213 -20.68 14.97 13.40
N GLY B 214 -20.34 15.17 12.13
CA GLY B 214 -20.81 16.31 11.35
C GLY B 214 -21.65 15.72 10.24
N LYS B 215 -22.70 16.40 9.80
CA LYS B 215 -23.56 15.87 8.74
C LYS B 215 -22.70 15.27 7.62
N ILE B 216 -22.94 14.00 7.30
CA ILE B 216 -22.18 13.34 6.24
C ILE B 216 -22.86 13.48 4.87
N PRO B 217 -22.06 13.60 3.80
CA PRO B 217 -22.59 13.39 2.45
C PRO B 217 -22.69 11.87 2.19
N ILE B 218 -23.87 11.34 2.46
CA ILE B 218 -24.17 9.92 2.39
C ILE B 218 -23.79 9.23 1.09
N ARG B 219 -24.09 9.87 -0.04
CA ARG B 219 -23.91 9.23 -1.35
C ARG B 219 -22.46 8.97 -1.68
N TRP B 220 -21.57 9.66 -0.97
CA TRP B 220 -20.11 9.62 -1.21
C TRP B 220 -19.30 8.93 -0.09
N THR B 221 -19.96 8.39 0.92
CA THR B 221 -19.25 7.97 2.13
C THR B 221 -19.27 6.46 2.27
N ALA B 222 -18.11 5.87 2.61
CA ALA B 222 -18.01 4.42 2.85
C ALA B 222 -19.02 4.00 3.92
N PRO B 223 -19.60 2.80 3.79
CA PRO B 223 -20.63 2.37 4.73
C PRO B 223 -20.15 2.24 6.20
N GLU B 224 -18.90 1.85 6.42
CA GLU B 224 -18.37 1.79 7.80
C GLU B 224 -18.21 3.19 8.39
N ALA B 225 -18.04 4.19 7.53
CA ALA B 225 -17.88 5.56 7.96
C ALA B 225 -19.23 6.21 8.31
N ILE B 226 -20.29 5.80 7.61
CA ILE B 226 -21.64 6.31 7.92
C ILE B 226 -22.17 5.68 9.22
N ALA B 227 -21.97 4.36 9.37
CA ALA B 227 -22.55 3.62 10.47
C ALA B 227 -21.71 3.60 11.75
N PHE B 228 -20.39 3.74 11.62
CA PHE B 228 -19.51 3.60 12.78
C PHE B 228 -18.62 4.83 12.98
N ARG B 229 -18.80 5.81 12.10
CA ARG B 229 -18.07 7.08 12.12
C ARG B 229 -16.56 6.86 12.14
N THR B 230 -16.10 5.88 11.35
CA THR B 230 -14.67 5.57 11.32
C THR B 230 -14.11 5.82 9.93
N PHE B 231 -13.29 6.85 9.83
CA PHE B 231 -12.77 7.34 8.57
C PHE B 231 -11.33 6.92 8.45
N SER B 232 -10.90 6.63 7.22
CA SER B 232 -9.55 6.17 6.93
C SER B 232 -9.24 6.48 5.48
N SER B 233 -8.04 6.16 5.03
CA SER B 233 -7.72 6.34 3.65
C SER B 233 -8.50 5.38 2.78
N ALA B 234 -8.89 4.23 3.34
CA ALA B 234 -9.75 3.27 2.66
C ALA B 234 -11.15 3.85 2.43
N SER B 235 -11.63 4.65 3.40
CA SER B 235 -12.92 5.32 3.24
C SER B 235 -12.81 6.48 2.21
N ASP B 236 -11.66 7.13 2.12
CA ASP B 236 -11.39 8.05 1.01
C ASP B 236 -11.31 7.34 -0.37
N VAL B 237 -10.82 6.11 -0.38
CA VAL B 237 -10.81 5.31 -1.59
C VAL B 237 -12.24 4.98 -2.05
N TRP B 238 -13.13 4.66 -1.09
CA TRP B 238 -14.55 4.49 -1.40
C TRP B 238 -15.10 5.73 -2.11
N SER B 239 -14.89 6.90 -1.51
CA SER B 239 -15.34 8.15 -2.10
C SER B 239 -14.73 8.35 -3.49
N PHE B 240 -13.48 7.91 -3.68
CA PHE B 240 -12.82 8.08 -4.98
C PHE B 240 -13.52 7.23 -6.06
N GLY B 241 -14.01 6.04 -5.70
CA GLY B 241 -14.83 5.25 -6.64
C GLY B 241 -16.07 6.03 -7.12
N VAL B 242 -16.67 6.77 -6.21
CA VAL B 242 -17.87 7.55 -6.49
C VAL B 242 -17.51 8.74 -7.38
N VAL B 243 -16.37 9.39 -7.10
CA VAL B 243 -15.87 10.47 -7.96
C VAL B 243 -15.67 9.95 -9.39
N MET B 244 -15.06 8.78 -9.51
CA MET B 244 -14.85 8.13 -10.81
C MET B 244 -16.17 8.00 -11.54
N TRP B 245 -17.20 7.52 -10.81
CA TRP B 245 -18.52 7.32 -11.35
C TRP B 245 -19.13 8.64 -11.85
N GLU B 246 -18.98 9.71 -11.05
CA GLU B 246 -19.55 11.03 -11.34
C GLU B 246 -18.94 11.59 -12.60
N VAL B 247 -17.63 11.39 -12.73
CA VAL B 247 -16.92 11.91 -13.86
C VAL B 247 -17.37 11.21 -15.15
N LEU B 248 -17.42 9.87 -15.11
CA LEU B 248 -17.80 9.07 -16.28
C LEU B 248 -19.28 9.28 -16.58
N ALA B 249 -20.05 9.66 -15.56
CA ALA B 249 -21.47 9.99 -15.76
C ALA B 249 -21.70 11.51 -16.01
N TYR B 250 -20.60 12.24 -16.21
CA TYR B 250 -20.62 13.68 -16.51
C TYR B 250 -21.42 14.47 -15.48
N GLY B 251 -21.21 14.17 -14.20
CA GLY B 251 -21.83 14.94 -13.13
C GLY B 251 -23.24 14.53 -12.73
N GLU B 252 -23.70 13.38 -13.18
CA GLU B 252 -24.97 12.85 -12.71
C GLU B 252 -24.95 12.73 -11.19
N ARG B 253 -26.11 12.84 -10.53
CA ARG B 253 -26.18 12.59 -9.07
C ARG B 253 -26.11 11.07 -8.79
N PRO B 254 -25.21 10.67 -7.88
CA PRO B 254 -25.07 9.25 -7.54
C PRO B 254 -26.34 8.70 -6.91
N TYR B 255 -26.77 7.51 -7.33
CA TYR B 255 -28.02 6.91 -6.83
C TYR B 255 -29.19 7.86 -7.05
N TRP B 256 -29.35 8.31 -8.30
CA TRP B 256 -30.28 9.40 -8.61
C TRP B 256 -31.72 9.01 -8.31
N ASN B 257 -32.00 7.72 -8.29
CA ASN B 257 -33.35 7.17 -8.15
C ASN B 257 -33.71 6.76 -6.72
N MET B 258 -32.78 6.93 -5.78
CA MET B 258 -32.94 6.42 -4.42
C MET B 258 -32.91 7.54 -3.40
N THR B 259 -33.70 7.38 -2.34
CA THR B 259 -33.63 8.27 -1.18
C THR B 259 -32.37 7.90 -0.42
N ASN B 260 -31.99 8.75 0.53
CA ASN B 260 -30.83 8.48 1.39
C ASN B 260 -30.90 7.19 2.21
N ARG B 261 -32.04 6.93 2.84
CA ARG B 261 -32.24 5.68 3.59
C ARG B 261 -32.04 4.46 2.67
N ASP B 262 -32.59 4.58 1.47
CA ASP B 262 -32.44 3.59 0.41
C ASP B 262 -30.97 3.37 -0.02
N VAL B 263 -30.20 4.45 -0.10
CA VAL B 263 -28.75 4.35 -0.37
C VAL B 263 -27.98 3.61 0.72
N ILE B 264 -28.28 3.90 1.99
CA ILE B 264 -27.58 3.26 3.08
C ILE B 264 -27.86 1.75 3.07
N SER B 265 -29.15 1.39 3.03
CA SER B 265 -29.54 -0.02 3.14
C SER B 265 -29.16 -0.86 1.92
N SER B 266 -29.32 -0.30 0.71
CA SER B 266 -28.97 -0.97 -0.55
C SER B 266 -27.49 -1.33 -0.61
N VAL B 267 -26.65 -0.34 -0.30
CA VAL B 267 -25.20 -0.50 -0.33
C VAL B 267 -24.69 -1.52 0.68
N GLU B 268 -25.22 -1.50 1.91
CA GLU B 268 -24.79 -2.48 2.91
C GLU B 268 -25.22 -3.91 2.51
N GLU B 269 -26.33 -3.99 1.78
CA GLU B 269 -26.81 -5.24 1.22
C GLU B 269 -26.13 -5.66 -0.09
N GLY B 270 -25.21 -4.84 -0.60
CA GLY B 270 -24.40 -5.25 -1.75
C GLY B 270 -24.53 -4.47 -3.05
N TYR B 271 -25.58 -3.63 -3.13
CA TYR B 271 -25.82 -2.79 -4.31
C TYR B 271 -24.64 -1.86 -4.60
N ARG B 272 -24.28 -1.75 -5.88
CA ARG B 272 -23.20 -0.85 -6.34
C ARG B 272 -23.67 -0.06 -7.57
N LEU B 273 -23.28 1.20 -7.65
CA LEU B 273 -23.61 2.05 -8.82
C LEU B 273 -23.27 1.34 -10.13
N PRO B 274 -24.20 1.34 -11.11
CA PRO B 274 -23.88 0.67 -12.37
C PRO B 274 -22.93 1.51 -13.23
N ALA B 275 -22.14 0.83 -14.06
CA ALA B 275 -21.28 1.45 -15.05
C ALA B 275 -22.01 2.48 -15.94
N PRO B 276 -21.61 3.76 -15.85
CA PRO B 276 -22.19 4.74 -16.76
C PRO B 276 -21.95 4.37 -18.23
N MET B 277 -22.92 4.68 -19.07
CA MET B 277 -22.75 4.57 -20.52
C MET B 277 -21.37 5.09 -20.94
N GLY B 278 -20.65 4.28 -21.70
CA GLY B 278 -19.34 4.66 -22.20
C GLY B 278 -18.16 4.30 -21.31
N CYS B 279 -18.42 3.85 -20.09
CA CYS B 279 -17.34 3.49 -19.15
C CYS B 279 -16.65 2.16 -19.53
N PRO B 280 -15.31 2.19 -19.66
CA PRO B 280 -14.58 0.94 -19.95
C PRO B 280 -14.63 -0.08 -18.80
N HIS B 281 -14.53 -1.36 -19.13
CA HIS B 281 -14.67 -2.45 -18.17
C HIS B 281 -13.64 -2.34 -17.07
N ALA B 282 -12.39 -2.14 -17.44
CA ALA B 282 -11.30 -1.93 -16.51
C ALA B 282 -11.64 -0.83 -15.49
N LEU B 283 -12.31 0.22 -15.93
CA LEU B 283 -12.72 1.31 -15.04
C LEU B 283 -13.87 0.93 -14.11
N HIS B 284 -14.85 0.21 -14.63
CA HIS B 284 -15.95 -0.25 -13.78
C HIS B 284 -15.41 -1.20 -12.73
N GLN B 285 -14.50 -2.08 -13.17
CA GLN B 285 -13.86 -2.98 -12.23
C GLN B 285 -13.16 -2.21 -11.11
N LEU B 286 -12.40 -1.17 -11.46
CA LEU B 286 -11.68 -0.39 -10.44
C LEU B 286 -12.61 0.31 -9.46
N MET B 287 -13.75 0.77 -9.95
CA MET B 287 -14.80 1.34 -9.10
C MET B 287 -15.28 0.30 -8.09
N LEU B 288 -15.62 -0.88 -8.58
CA LEU B 288 -16.04 -1.99 -7.73
C LEU B 288 -15.00 -2.33 -6.65
N ASP B 289 -13.73 -2.38 -7.03
CA ASP B 289 -12.63 -2.62 -6.08
C ASP B 289 -12.59 -1.54 -4.99
N CYS B 290 -12.70 -0.28 -5.40
CA CYS B 290 -12.80 0.85 -4.49
C CYS B 290 -13.98 0.70 -3.56
N TRP B 291 -14.98 -0.06 -3.98
CA TRP B 291 -16.20 -0.18 -3.18
C TRP B 291 -16.27 -1.51 -2.43
N HIS B 292 -15.12 -2.13 -2.20
CA HIS B 292 -15.12 -3.40 -1.44
C HIS B 292 -15.72 -3.14 -0.09
N LYS B 293 -16.64 -4.01 0.31
N LYS B 293 -16.66 -4.00 0.27
CA LYS B 293 -17.31 -3.94 1.59
CA LYS B 293 -17.32 -4.01 1.56
C LYS B 293 -16.35 -3.97 2.80
C LYS B 293 -16.35 -3.96 2.76
N ASP B 294 -15.24 -4.71 2.67
CA ASP B 294 -14.21 -4.71 3.69
C ASP B 294 -13.13 -3.66 3.35
N ARG B 295 -13.00 -2.67 4.22
CA ARG B 295 -12.15 -1.54 3.91
C ARG B 295 -10.71 -1.96 3.66
N ALA B 296 -10.25 -3.02 4.33
CA ALA B 296 -8.87 -3.47 4.22
C ALA B 296 -8.61 -4.08 2.83
N GLN B 297 -9.69 -4.51 2.19
CA GLN B 297 -9.60 -5.09 0.87
C GLN B 297 -9.74 -4.10 -0.30
N ARG B 298 -9.94 -2.83 -0.01
CA ARG B 298 -9.90 -1.82 -1.08
C ARG B 298 -8.48 -1.57 -1.59
N PRO B 299 -8.31 -1.11 -2.85
CA PRO B 299 -6.92 -0.73 -3.23
C PRO B 299 -6.45 0.53 -2.50
N ARG B 300 -5.15 0.73 -2.41
CA ARG B 300 -4.65 1.97 -1.87
C ARG B 300 -4.46 2.90 -3.07
N PHE B 301 -4.30 4.19 -2.82
CA PHE B 301 -4.23 5.16 -3.92
C PHE B 301 -3.10 4.91 -4.92
N SER B 302 -1.95 4.41 -4.45
CA SER B 302 -0.85 4.17 -5.39
C SER B 302 -1.23 3.10 -6.43
N GLN B 303 -2.02 2.12 -5.98
CA GLN B 303 -2.56 1.11 -6.89
C GLN B 303 -3.56 1.67 -7.84
N ILE B 304 -4.42 2.55 -7.33
CA ILE B 304 -5.45 3.16 -8.13
C ILE B 304 -4.75 3.95 -9.24
N VAL B 305 -3.72 4.71 -8.87
CA VAL B 305 -3.00 5.54 -9.84
C VAL B 305 -2.34 4.68 -10.93
N SER B 306 -1.72 3.57 -10.54
CA SER B 306 -1.08 2.75 -11.54
C SER B 306 -2.09 2.07 -12.46
N VAL B 307 -3.28 1.74 -11.95
CA VAL B 307 -4.34 1.17 -12.79
C VAL B 307 -4.77 2.19 -13.86
N LEU B 308 -4.97 3.44 -13.43
CA LEU B 308 -5.35 4.53 -14.33
C LEU B 308 -4.20 4.84 -15.31
N ASP B 309 -2.95 4.83 -14.81
CA ASP B 309 -1.77 4.99 -15.66
C ASP B 309 -1.65 3.88 -16.69
N ALA B 310 -1.97 2.64 -16.33
CA ALA B 310 -1.96 1.53 -17.28
C ALA B 310 -2.97 1.80 -18.39
N LEU B 311 -4.18 2.20 -18.01
CA LEU B 311 -5.22 2.59 -18.96
C LEU B 311 -4.88 3.78 -19.87
N ILE B 312 -3.91 4.60 -19.46
CA ILE B 312 -3.43 5.70 -20.31
C ILE B 312 -2.27 5.21 -21.16
N ARG B 313 -1.32 4.51 -20.54
CA ARG B 313 -0.10 4.04 -21.22
C ARG B 313 -0.39 2.89 -22.16
N SER B 314 -1.39 2.07 -21.83
CA SER B 314 -1.79 0.91 -22.64
C SER B 314 -3.28 0.94 -22.98
N PRO B 315 -3.74 1.99 -23.70
CA PRO B 315 -5.15 2.41 -23.74
C PRO B 315 -6.12 1.28 -24.10
#